data_4H3O
#
_entry.id   4H3O
#
_cell.length_a   35.513
_cell.length_b   57.234
_cell.length_c   97.449
_cell.angle_alpha   90.00
_cell.angle_beta   90.00
_cell.angle_gamma   90.00
#
_symmetry.space_group_name_H-M   'P 21 21 21'
#
loop_
_entity.id
_entity.type
_entity.pdbx_description
1 polymer Lectin
2 non-polymer 'CADMIUM ION'
3 non-polymer 'SODIUM ION'
4 water water
#
_entity_poly.entity_id   1
_entity_poly.type   'polypeptide(L)'
_entity_poly.pdbx_seq_one_letter_code
;RNILDNNEGLYAGQSLDVEPYHFIMQDDCNLVLYDHSTSTWASNTEIGGKSGCSAVLQSDGNFVVYDSSGRSLWASHSTR
GSGNYILILQDDGNVIIYGSDIWST
;
_entity_poly.pdbx_strand_id   A,B
#
# COMPACT_ATOMS: atom_id res chain seq x y z
N ARG A 1 -11.29 -1.86 0.44
CA ARG A 1 -9.99 -1.96 1.16
C ARG A 1 -9.05 -2.99 0.55
N ASN A 2 -7.82 -2.58 0.27
CA ASN A 2 -6.76 -3.48 -0.15
C ASN A 2 -5.50 -3.39 0.71
N ILE A 3 -5.48 -2.41 1.63
CA ILE A 3 -4.33 -2.17 2.49
C ILE A 3 -4.67 -2.00 3.98
N LEU A 4 -3.74 -2.38 4.83
CA LEU A 4 -3.74 -2.00 6.24
C LEU A 4 -2.47 -1.20 6.53
N ASP A 5 -2.63 -0.06 7.20
CA ASP A 5 -1.50 0.72 7.73
C ASP A 5 -1.23 0.31 9.17
N ASN A 6 -0.31 1.02 9.83
CA ASN A 6 -0.02 0.86 11.25
C ASN A 6 -1.27 0.87 12.11
N ASN A 7 -1.36 -0.10 13.02
CA ASN A 7 -2.42 -0.19 14.03
C ASN A 7 -3.75 0.09 13.32
N GLU A 8 -3.92 -0.49 12.14
CA GLU A 8 -5.17 -0.86 11.48
C GLU A 8 -5.28 -2.37 11.43
N GLY A 9 -6.50 -2.87 11.43
CA GLY A 9 -6.73 -4.30 11.40
C GLY A 9 -8.03 -4.72 10.77
N LEU A 10 -8.16 -6.03 10.53
CA LEU A 10 -9.42 -6.64 10.13
C LEU A 10 -10.06 -7.27 11.37
N TYR A 11 -11.20 -6.74 11.76
CA TYR A 11 -11.98 -7.32 12.86
C TYR A 11 -12.83 -8.47 12.33
N ALA A 12 -13.47 -9.20 13.24
CA ALA A 12 -14.30 -10.35 12.87
C ALA A 12 -15.30 -9.96 11.77
N GLY A 13 -15.28 -10.73 10.68
CA GLY A 13 -16.16 -10.48 9.55
C GLY A 13 -15.59 -9.58 8.47
N GLN A 14 -14.55 -8.81 8.80
CA GLN A 14 -13.95 -7.86 7.86
C GLN A 14 -12.94 -8.50 6.90
N SER A 15 -12.78 -7.88 5.74
CA SER A 15 -11.91 -8.40 4.69
C SER A 15 -11.26 -7.32 3.83
N LEU A 16 -10.15 -7.70 3.20
CA LEU A 16 -9.58 -6.92 2.11
C LEU A 16 -10.05 -7.56 0.82
N ASP A 17 -10.53 -6.73 -0.10
CA ASP A 17 -11.09 -7.22 -1.34
C ASP A 17 -10.33 -6.68 -2.55
N VAL A 18 -9.64 -7.58 -3.25
CA VAL A 18 -9.19 -7.27 -4.62
C VAL A 18 -9.51 -8.46 -5.50
N GLU A 19 -10.67 -8.38 -6.16
CA GLU A 19 -11.22 -9.47 -6.94
C GLU A 19 -10.17 -10.10 -7.86
N PRO A 20 -10.12 -11.45 -7.90
CA PRO A 20 -11.03 -12.39 -7.24
C PRO A 20 -10.60 -12.83 -5.83
N TYR A 21 -9.66 -12.10 -5.23
CA TYR A 21 -9.07 -12.51 -3.96
C TYR A 21 -9.67 -11.81 -2.74
N HIS A 22 -9.75 -12.54 -1.63
CA HIS A 22 -10.22 -11.99 -0.36
C HIS A 22 -9.36 -12.45 0.81
N PHE A 23 -8.95 -11.50 1.62
CA PHE A 23 -8.24 -11.76 2.87
C PHE A 23 -9.24 -11.46 3.98
N ILE A 24 -9.74 -12.51 4.62
CA ILE A 24 -10.86 -12.39 5.55
C ILE A 24 -10.47 -12.79 6.97
N MET A 25 -10.74 -11.90 7.93
CA MET A 25 -10.71 -12.26 9.34
C MET A 25 -12.06 -12.84 9.74
N GLN A 26 -12.19 -14.16 9.61
CA GLN A 26 -13.47 -14.84 9.74
C GLN A 26 -13.98 -14.85 11.18
N ASP A 27 -15.28 -15.09 11.34
CA ASP A 27 -15.90 -15.19 12.66
C ASP A 27 -15.44 -16.42 13.45
N ASP A 28 -14.92 -17.42 12.73
CA ASP A 28 -14.37 -18.61 13.40
C ASP A 28 -12.91 -18.41 13.84
N CYS A 29 -12.44 -17.16 13.74
CA CYS A 29 -11.11 -16.75 14.21
C CYS A 29 -9.95 -17.17 13.29
N ASN A 30 -10.29 -17.73 12.14
CA ASN A 30 -9.30 -18.08 11.11
C ASN A 30 -9.10 -16.90 10.17
N LEU A 31 -7.85 -16.52 9.93
CA LEU A 31 -7.53 -15.52 8.93
C LEU A 31 -7.17 -16.24 7.65
N VAL A 32 -7.99 -16.05 6.61
CA VAL A 32 -7.91 -16.87 5.40
C VAL A 32 -7.81 -16.01 4.13
N LEU A 33 -6.88 -16.39 3.26
CA LEU A 33 -6.77 -15.80 1.94
C LEU A 33 -7.48 -16.69 0.93
N TYR A 34 -8.51 -16.14 0.29
CA TYR A 34 -9.29 -16.85 -0.71
C TYR A 34 -8.93 -16.44 -2.13
N ASP A 35 -8.77 -17.45 -2.98
CA ASP A 35 -8.74 -17.25 -4.42
C ASP A 35 -10.07 -17.80 -4.92
N HIS A 36 -11.00 -16.90 -5.20
CA HIS A 36 -12.36 -17.29 -5.43
C HIS A 36 -12.66 -18.09 -4.16
N SER A 37 -13.32 -19.22 -4.29
CA SER A 37 -13.81 -20.00 -3.15
C SER A 37 -12.78 -20.94 -2.53
N THR A 38 -11.56 -20.91 -3.03
CA THR A 38 -10.49 -21.78 -2.52
C THR A 38 -9.57 -21.06 -1.54
N SER A 39 -9.44 -21.63 -0.35
CA SER A 39 -8.47 -21.15 0.64
C SER A 39 -7.08 -21.53 0.17
N THR A 40 -6.24 -20.53 -0.08
CA THR A 40 -4.88 -20.77 -0.55
C THR A 40 -3.85 -20.51 0.55
N TRP A 41 -4.27 -19.78 1.58
CA TRP A 41 -3.45 -19.51 2.75
C TRP A 41 -4.35 -19.26 3.95
N ALA A 42 -3.98 -19.84 5.08
CA ALA A 42 -4.71 -19.63 6.33
C ALA A 42 -3.74 -19.44 7.48
N SER A 43 -4.18 -18.75 8.52
CA SER A 43 -3.42 -18.65 9.76
C SER A 43 -3.60 -19.93 10.58
N ASN A 44 -4.63 -20.70 10.23
CA ASN A 44 -5.00 -21.93 10.95
C ASN A 44 -5.34 -21.65 12.41
N THR A 45 -6.18 -20.64 12.63
CA THR A 45 -6.53 -20.21 13.98
C THR A 45 -8.04 -20.26 14.20
N GLU A 46 -8.73 -21.19 13.55
CA GLU A 46 -10.10 -21.56 13.96
C GLU A 46 -9.63 -22.55 15.02
N ILE A 47 -9.69 -22.10 16.27
CA ILE A 47 -9.54 -22.93 17.45
C ILE A 47 -10.92 -23.12 18.08
N GLY A 48 -11.21 -24.36 18.48
CA GLY A 48 -12.46 -24.77 19.13
C GLY A 48 -13.52 -23.71 19.38
N GLY A 49 -13.30 -22.88 20.40
CA GLY A 49 -14.32 -21.90 20.81
C GLY A 49 -13.86 -20.45 20.83
N LYS A 50 -13.05 -20.07 19.84
CA LYS A 50 -12.57 -18.68 19.71
C LYS A 50 -13.48 -17.87 18.79
N SER A 51 -13.85 -16.67 19.23
CA SER A 51 -14.60 -15.73 18.40
C SER A 51 -14.20 -14.29 18.70
N GLY A 52 -14.59 -13.38 17.81
CA GLY A 52 -14.27 -11.96 17.96
C GLY A 52 -12.79 -11.67 17.77
N CYS A 53 -12.12 -12.47 16.96
CA CYS A 53 -10.70 -12.30 16.69
C CYS A 53 -10.44 -11.14 15.73
N SER A 54 -9.23 -10.60 15.79
CA SER A 54 -8.83 -9.50 14.91
C SER A 54 -7.38 -9.61 14.46
N ALA A 55 -7.13 -9.19 13.22
CA ALA A 55 -5.78 -9.18 12.65
C ALA A 55 -5.29 -7.75 12.51
N VAL A 56 -4.21 -7.42 13.21
CA VAL A 56 -3.70 -6.05 13.25
C VAL A 56 -2.23 -5.97 12.82
N LEU A 57 -1.95 -5.04 11.91
CA LEU A 57 -0.56 -4.74 11.57
C LEU A 57 -0.03 -3.75 12.58
N GLN A 58 1.10 -4.07 13.19
CA GLN A 58 1.66 -3.27 14.26
C GLN A 58 2.79 -2.37 13.76
N SER A 59 3.14 -1.39 14.59
CA SER A 59 4.16 -0.39 14.25
C SER A 59 5.59 -0.93 14.22
N ASP A 60 5.78 -2.19 14.61
CA ASP A 60 7.10 -2.81 14.53
C ASP A 60 7.27 -3.70 13.30
N GLY A 61 6.23 -3.80 12.49
CA GLY A 61 6.24 -4.62 11.27
C GLY A 61 5.58 -5.97 11.44
N ASN A 62 5.26 -6.33 12.67
CA ASN A 62 4.63 -7.62 12.94
C ASN A 62 3.13 -7.55 12.64
N PHE A 63 2.63 -8.61 12.02
CA PHE A 63 1.21 -8.76 11.72
C PHE A 63 0.70 -9.91 12.59
N VAL A 64 -0.31 -9.61 13.41
CA VAL A 64 -0.72 -10.50 14.48
C VAL A 64 -2.23 -10.71 14.52
N VAL A 65 -2.65 -11.97 14.62
CA VAL A 65 -4.04 -12.31 14.90
C VAL A 65 -4.19 -12.45 16.42
N TYR A 66 -5.15 -11.71 16.96
CA TYR A 66 -5.46 -11.74 18.39
C TYR A 66 -6.81 -12.37 18.63
N ASP A 67 -6.99 -13.05 19.76
CA ASP A 67 -8.32 -13.45 20.19
C ASP A 67 -9.03 -12.25 20.86
N SER A 68 -10.28 -12.42 21.25
CA SER A 68 -11.07 -11.30 21.80
C SER A 68 -10.50 -10.69 23.09
N SER A 69 -9.76 -11.48 23.85
CA SER A 69 -9.11 -10.96 25.06
C SER A 69 -7.65 -10.53 24.83
N GLY A 70 -7.25 -10.44 23.56
CA GLY A 70 -5.95 -9.90 23.19
C GLY A 70 -4.76 -10.83 23.31
N ARG A 71 -5.02 -12.13 23.34
CA ARG A 71 -3.94 -13.12 23.27
C ARG A 71 -3.54 -13.29 21.82
N SER A 72 -2.24 -13.25 21.55
CA SER A 72 -1.74 -13.48 20.20
C SER A 72 -1.80 -14.96 19.86
N LEU A 73 -2.51 -15.29 18.78
CA LEU A 73 -2.69 -16.68 18.35
C LEU A 73 -1.80 -17.02 17.16
N TRP A 74 -1.49 -16.02 16.35
CA TRP A 74 -0.62 -16.17 15.19
C TRP A 74 0.11 -14.85 14.93
N ALA A 75 1.33 -14.95 14.43
CA ALA A 75 2.09 -13.79 13.99
C ALA A 75 2.89 -14.08 12.73
N SER A 76 3.04 -13.08 11.92
CA SER A 76 3.91 -13.06 10.78
C SER A 76 5.39 -13.27 11.15
N HIS A 77 5.74 -12.91 12.37
CA HIS A 77 7.10 -12.83 12.80
C HIS A 77 7.97 -11.96 11.93
N SER A 78 7.47 -10.77 11.65
CA SER A 78 8.19 -9.86 10.76
C SER A 78 8.68 -8.56 11.40
N THR A 79 8.93 -8.62 12.70
CA THR A 79 9.35 -7.45 13.45
C THR A 79 10.64 -6.89 12.84
N ARG A 80 10.62 -5.63 12.46
CA ARG A 80 11.78 -4.96 11.87
C ARG A 80 12.20 -3.71 12.64
N GLY A 81 11.43 -3.38 13.67
CA GLY A 81 11.65 -2.16 14.45
C GLY A 81 10.56 -1.12 14.24
N SER A 82 10.49 -0.16 15.16
CA SER A 82 9.48 0.89 15.13
C SER A 82 9.58 1.68 13.82
N GLY A 83 8.42 1.92 13.20
CA GLY A 83 8.36 2.62 11.93
C GLY A 83 6.95 2.62 11.38
N ASN A 84 6.84 2.73 10.05
CA ASN A 84 5.54 2.71 9.39
C ASN A 84 5.51 1.66 8.28
N TYR A 85 4.45 0.85 8.30
CA TYR A 85 4.34 -0.32 7.44
C TYR A 85 2.95 -0.41 6.84
N ILE A 86 2.86 -1.11 5.70
CA ILE A 86 1.56 -1.46 5.12
C ILE A 86 1.52 -2.92 4.71
N LEU A 87 0.36 -3.52 4.90
CA LEU A 87 0.07 -4.82 4.36
C LEU A 87 -0.82 -4.59 3.15
N ILE A 88 -0.47 -5.23 2.04
CA ILE A 88 -1.23 -5.08 0.80
C ILE A 88 -1.71 -6.44 0.32
N LEU A 89 -3.00 -6.52 -0.01
CA LEU A 89 -3.50 -7.61 -0.83
C LEU A 89 -3.33 -7.16 -2.28
N GLN A 90 -2.43 -7.83 -2.99
CA GLN A 90 -2.05 -7.43 -4.32
C GLN A 90 -2.91 -8.08 -5.41
N ASP A 91 -2.88 -7.48 -6.60
CA ASP A 91 -3.63 -7.97 -7.76
C ASP A 91 -3.25 -9.38 -8.19
N ASP A 92 -2.03 -9.80 -7.84
CA ASP A 92 -1.54 -11.14 -8.18
C ASP A 92 -1.88 -12.19 -7.11
N GLY A 93 -2.69 -11.79 -6.12
CA GLY A 93 -3.16 -12.70 -5.08
C GLY A 93 -2.18 -12.96 -3.94
N ASN A 94 -1.07 -12.23 -3.94
CA ASN A 94 -0.11 -12.29 -2.86
C ASN A 94 -0.43 -11.24 -1.79
N VAL A 95 -0.29 -11.61 -0.53
CA VAL A 95 -0.39 -10.66 0.57
C VAL A 95 1.02 -10.38 1.06
N ILE A 96 1.42 -9.12 1.03
CA ILE A 96 2.77 -8.75 1.45
C ILE A 96 2.87 -7.46 2.26
N ILE A 97 3.81 -7.47 3.21
CA ILE A 97 4.06 -6.33 4.08
C ILE A 97 5.31 -5.58 3.62
N TYR A 98 5.16 -4.29 3.37
CA TYR A 98 6.29 -3.44 3.01
C TYR A 98 6.54 -2.41 4.11
N GLY A 99 7.80 -2.01 4.27
CA GLY A 99 8.16 -0.95 5.20
C GLY A 99 9.58 -1.09 5.71
N SER A 100 10.10 -0.10 6.44
CA SER A 100 9.43 1.14 6.83
C SER A 100 9.43 2.24 5.75
N ASP A 101 8.64 3.29 5.98
CA ASP A 101 8.48 4.35 4.98
C ASP A 101 9.81 5.02 4.65
N ILE A 102 9.97 5.41 3.40
CA ILE A 102 11.23 6.03 2.96
C ILE A 102 11.00 7.45 2.43
N TRP A 103 9.74 7.78 2.15
CA TRP A 103 9.35 9.10 1.66
C TRP A 103 7.90 9.27 2.03
N SER A 104 7.46 10.52 2.11
CA SER A 104 6.04 10.85 2.15
C SER A 104 5.70 12.28 1.76
N THR A 105 4.47 12.41 1.28
CA THR A 105 3.65 13.62 1.37
C THR A 105 2.87 13.86 0.08
N ARG B 1 -6.93 2.41 -9.13
CA ARG B 1 -5.52 2.25 -8.66
C ARG B 1 -5.24 3.15 -7.47
N ASN B 2 -4.67 2.59 -6.41
CA ASN B 2 -4.23 3.36 -5.25
C ASN B 2 -2.76 3.13 -4.92
N ILE B 3 -2.13 2.23 -5.67
CA ILE B 3 -0.73 1.87 -5.43
C ILE B 3 0.09 1.75 -6.72
N LEU B 4 1.38 2.01 -6.62
CA LEU B 4 2.35 1.71 -7.63
C LEU B 4 3.43 0.78 -7.08
N ASP B 5 3.81 -0.21 -7.85
CA ASP B 5 4.88 -1.09 -7.50
C ASP B 5 6.10 -0.75 -8.37
N ASN B 6 7.19 -1.51 -8.23
CA ASN B 6 8.47 -1.28 -8.93
C ASN B 6 8.34 -0.94 -10.42
N ASN B 7 8.89 0.22 -10.80
CA ASN B 7 8.93 0.70 -12.18
C ASN B 7 7.56 0.78 -12.85
N GLU B 8 6.51 0.90 -12.05
CA GLU B 8 5.19 1.32 -12.50
C GLU B 8 5.05 2.82 -12.31
N GLY B 9 4.14 3.42 -13.07
CA GLY B 9 3.96 4.86 -13.01
C GLY B 9 2.63 5.36 -13.53
N LEU B 10 2.50 6.68 -13.60
CA LEU B 10 1.34 7.34 -14.16
C LEU B 10 1.72 8.06 -15.44
N TYR B 11 1.05 7.72 -16.54
CA TYR B 11 1.16 8.45 -17.78
C TYR B 11 0.36 9.75 -17.70
N ALA B 12 0.66 10.69 -18.60
CA ALA B 12 -0.07 11.95 -18.69
C ALA B 12 -1.56 11.60 -18.63
N GLY B 13 -2.27 12.20 -17.68
CA GLY B 13 -3.72 12.03 -17.57
C GLY B 13 -4.16 10.91 -16.62
N GLN B 14 -3.23 10.02 -16.26
CA GLN B 14 -3.55 8.92 -15.35
C GLN B 14 -3.50 9.39 -13.89
N SER B 15 -4.21 8.66 -13.04
CA SER B 15 -4.28 9.01 -11.62
C SER B 15 -4.38 7.81 -10.69
N LEU B 16 -3.97 8.03 -9.45
CA LEU B 16 -4.31 7.17 -8.34
C LEU B 16 -5.56 7.76 -7.68
N ASP B 17 -6.56 6.92 -7.44
CA ASP B 17 -7.85 7.39 -6.93
C ASP B 17 -8.26 6.70 -5.64
N VAL B 18 -8.35 7.49 -4.57
CA VAL B 18 -9.02 7.07 -3.34
C VAL B 18 -9.73 8.35 -2.91
N GLU B 19 -11.06 8.31 -2.99
CA GLU B 19 -11.93 9.41 -2.60
C GLU B 19 -11.71 9.82 -1.15
N PRO B 20 -11.59 11.14 -0.89
CA PRO B 20 -11.72 12.25 -1.82
C PRO B 20 -10.40 12.70 -2.46
N TYR B 21 -9.38 11.84 -2.44
CA TYR B 21 -8.05 12.19 -2.96
C TYR B 21 -7.78 11.64 -4.34
N HIS B 22 -7.11 12.44 -5.16
CA HIS B 22 -6.59 12.00 -6.44
C HIS B 22 -5.17 12.50 -6.62
N PHE B 23 -4.30 11.59 -7.04
CA PHE B 23 -2.92 11.88 -7.36
C PHE B 23 -2.81 11.82 -8.87
N ILE B 24 -2.71 12.99 -9.51
CA ILE B 24 -2.80 13.07 -10.97
C ILE B 24 -1.52 13.54 -11.63
N MET B 25 -1.03 12.75 -12.60
CA MET B 25 0.02 13.19 -13.51
C MET B 25 -0.68 13.97 -14.63
N GLN B 26 -0.65 15.30 -14.51
CA GLN B 26 -1.43 16.17 -15.39
C GLN B 26 -0.77 16.41 -16.75
N ASP B 27 -1.58 16.83 -17.72
CA ASP B 27 -1.11 17.17 -19.07
C ASP B 27 -0.12 18.33 -19.07
N ASP B 28 -0.19 19.19 -18.05
CA ASP B 28 0.69 20.35 -17.96
C ASP B 28 2.03 20.02 -17.30
N CYS B 29 2.27 18.73 -17.07
CA CYS B 29 3.51 18.19 -16.50
C CYS B 29 3.64 18.34 -14.97
N ASN B 30 2.58 18.83 -14.33
CA ASN B 30 2.53 18.92 -12.88
C ASN B 30 1.96 17.64 -12.26
N LEU B 31 2.62 17.12 -11.23
CA LEU B 31 2.06 16.01 -10.46
C LEU B 31 1.36 16.63 -9.26
N VAL B 32 0.04 16.43 -9.19
CA VAL B 32 -0.79 17.15 -8.23
C VAL B 32 -1.64 16.20 -7.38
N LEU B 33 -1.60 16.42 -6.07
CA LEU B 33 -2.47 15.74 -5.13
C LEU B 33 -3.65 16.64 -4.78
N TYR B 34 -4.84 16.21 -5.20
CA TYR B 34 -6.07 16.93 -4.87
C TYR B 34 -6.79 16.32 -3.66
N ASP B 35 -7.30 17.19 -2.80
CA ASP B 35 -8.19 16.81 -1.72
C ASP B 35 -9.53 17.50 -1.98
N HIS B 36 -10.53 16.69 -2.30
CA HIS B 36 -11.75 17.16 -2.96
C HIS B 36 -11.18 18.04 -4.10
N SER B 37 -11.69 19.25 -4.29
CA SER B 37 -11.31 20.04 -5.47
C SER B 37 -10.05 20.88 -5.23
N THR B 38 -9.48 20.76 -4.04
CA THR B 38 -8.35 21.57 -3.62
C THR B 38 -7.03 20.83 -3.77
N SER B 39 -6.07 21.47 -4.42
CA SER B 39 -4.70 20.96 -4.52
C SER B 39 -3.97 21.18 -3.20
N THR B 40 -3.47 20.10 -2.61
CA THR B 40 -2.79 20.18 -1.30
C THR B 40 -1.29 19.91 -1.41
N TRP B 41 -0.87 19.36 -2.55
CA TRP B 41 0.54 19.08 -2.82
C TRP B 41 0.75 19.04 -4.33
N ALA B 42 1.90 19.55 -4.78
CA ALA B 42 2.27 19.48 -6.18
C ALA B 42 3.78 19.26 -6.32
N SER B 43 4.20 18.71 -7.46
CA SER B 43 5.63 18.55 -7.76
C SER B 43 6.23 19.85 -8.29
N ASN B 44 5.37 20.82 -8.59
CA ASN B 44 5.76 22.13 -9.13
C ASN B 44 6.47 22.05 -10.47
N THR B 45 6.08 21.06 -11.28
CA THR B 45 6.69 20.84 -12.57
C THR B 45 5.81 21.27 -13.72
N GLU B 46 4.84 22.12 -13.45
CA GLU B 46 3.94 22.51 -14.51
C GLU B 46 4.56 23.58 -15.40
N ILE B 47 4.94 23.15 -16.60
CA ILE B 47 5.79 23.91 -17.48
C ILE B 47 5.16 23.93 -18.87
N GLY B 48 4.87 25.13 -19.36
CA GLY B 48 4.36 25.31 -20.72
C GLY B 48 5.37 24.73 -21.70
N GLY B 49 4.88 23.98 -22.68
CA GLY B 49 5.74 23.34 -23.66
C GLY B 49 6.08 21.91 -23.32
N LYS B 50 6.03 21.59 -22.03
CA LYS B 50 6.29 20.23 -21.55
C LYS B 50 4.99 19.43 -21.50
N SER B 51 4.89 18.48 -22.42
CA SER B 51 3.76 17.55 -22.46
C SER B 51 4.30 16.13 -22.54
N GLY B 52 3.46 15.16 -22.21
CA GLY B 52 3.87 13.75 -22.19
C GLY B 52 4.80 13.43 -21.05
N CYS B 53 4.63 14.12 -19.92
CA CYS B 53 5.39 13.82 -18.72
C CYS B 53 4.80 12.58 -18.03
N SER B 54 5.62 11.86 -17.30
CA SER B 54 5.15 10.69 -16.56
C SER B 54 5.80 10.62 -15.17
N ALA B 55 5.04 10.09 -14.21
CA ALA B 55 5.54 9.89 -12.87
C ALA B 55 5.73 8.38 -12.64
N VAL B 56 6.95 7.99 -12.28
CA VAL B 56 7.30 6.57 -12.15
C VAL B 56 7.98 6.29 -10.81
N LEU B 57 7.53 5.25 -10.12
CA LEU B 57 8.25 4.75 -8.96
C LEU B 57 9.34 3.80 -9.45
N GLN B 58 10.59 4.24 -9.35
CA GLN B 58 11.73 3.43 -9.78
C GLN B 58 12.00 2.31 -8.78
N SER B 59 12.63 1.25 -9.26
CA SER B 59 12.94 0.08 -8.45
C SER B 59 14.06 0.33 -7.44
N ASP B 60 14.66 1.51 -7.47
CA ASP B 60 15.67 1.89 -6.47
C ASP B 60 15.06 2.71 -5.32
N GLY B 61 13.74 2.89 -5.35
CA GLY B 61 13.02 3.60 -4.29
C GLY B 61 12.65 5.03 -4.64
N ASN B 62 13.23 5.55 -5.71
CA ASN B 62 13.04 6.95 -6.12
C ASN B 62 11.77 7.12 -6.93
N PHE B 63 11.00 8.15 -6.60
CA PHE B 63 9.78 8.49 -7.32
C PHE B 63 10.09 9.72 -8.19
N VAL B 64 9.97 9.57 -9.51
CA VAL B 64 10.48 10.56 -10.46
C VAL B 64 9.44 11.02 -11.47
N VAL B 65 9.35 12.35 -11.66
CA VAL B 65 8.60 12.90 -12.81
C VAL B 65 9.55 13.14 -13.97
N TYR B 66 9.33 12.41 -15.07
CA TYR B 66 10.13 12.52 -16.27
C TYR B 66 9.40 13.30 -17.35
N ASP B 67 10.13 14.15 -18.08
CA ASP B 67 9.56 14.78 -19.28
C ASP B 67 9.64 13.83 -20.48
N SER B 68 9.06 14.25 -21.60
CA SER B 68 8.91 13.40 -22.78
C SER B 68 10.21 12.79 -23.32
N SER B 69 11.32 13.55 -23.24
CA SER B 69 12.68 13.08 -23.56
C SER B 69 13.39 12.08 -22.61
N GLY B 70 13.36 12.36 -21.31
CA GLY B 70 13.84 11.47 -20.25
C GLY B 70 14.46 12.27 -19.13
N ARG B 71 14.32 13.60 -19.21
CA ARG B 71 14.82 14.50 -18.18
C ARG B 71 13.99 14.38 -16.91
N SER B 72 14.66 14.12 -15.80
CA SER B 72 14.03 14.10 -14.49
C SER B 72 13.87 15.55 -14.00
N LEU B 73 12.63 16.00 -13.90
CA LEU B 73 12.35 17.39 -13.50
C LEU B 73 11.99 17.51 -12.02
N TRP B 74 11.55 16.41 -11.44
CA TRP B 74 11.28 16.31 -10.01
C TRP B 74 11.54 14.89 -9.53
N ALA B 75 12.07 14.76 -8.33
CA ALA B 75 12.25 13.47 -7.69
C ALA B 75 11.92 13.55 -6.20
N SER B 76 11.50 12.42 -5.63
CA SER B 76 11.32 12.30 -4.18
C SER B 76 12.69 12.28 -3.48
N HIS B 77 13.73 11.99 -4.26
CA HIS B 77 15.09 11.80 -3.75
C HIS B 77 15.13 10.75 -2.64
N SER B 78 14.51 9.61 -2.89
CA SER B 78 14.46 8.51 -1.93
C SER B 78 15.23 7.24 -2.32
N THR B 79 16.30 7.42 -3.09
CA THR B 79 17.12 6.30 -3.57
C THR B 79 17.65 5.51 -2.38
N ARG B 80 17.22 4.25 -2.28
CA ARG B 80 17.68 3.34 -1.23
C ARG B 80 18.41 2.14 -1.83
N GLY B 81 18.21 1.92 -3.13
CA GLY B 81 18.83 0.81 -3.85
C GLY B 81 17.89 -0.36 -4.08
N SER B 82 18.47 -1.51 -4.41
CA SER B 82 17.73 -2.74 -4.70
C SER B 82 16.71 -3.09 -3.63
N GLY B 83 15.47 -3.31 -4.06
CA GLY B 83 14.38 -3.68 -3.17
C GLY B 83 13.03 -3.67 -3.87
N ASN B 84 12.00 -4.08 -3.14
CA ASN B 84 10.63 -4.06 -3.63
C ASN B 84 9.87 -2.96 -2.90
N TYR B 85 9.50 -1.92 -3.63
CA TYR B 85 8.86 -0.76 -3.06
C TYR B 85 7.44 -0.61 -3.57
N ILE B 86 6.59 0.02 -2.77
CA ILE B 86 5.28 0.44 -3.23
C ILE B 86 4.99 1.88 -2.80
N LEU B 87 4.37 2.63 -3.70
CA LEU B 87 3.88 3.95 -3.38
C LEU B 87 2.37 3.86 -3.23
N ILE B 88 1.86 4.41 -2.13
CA ILE B 88 0.45 4.30 -1.80
C ILE B 88 -0.16 5.66 -1.56
N LEU B 89 -1.30 5.90 -2.20
CA LEU B 89 -2.17 7.00 -1.83
C LEU B 89 -3.10 6.52 -0.72
N GLN B 90 -2.95 7.10 0.45
CA GLN B 90 -3.66 6.65 1.64
C GLN B 90 -4.88 7.54 1.89
N ASP B 91 -5.84 7.05 2.67
CA ASP B 91 -7.02 7.87 2.97
C ASP B 91 -6.83 8.93 4.07
N ASP B 92 -5.60 9.06 4.58
CA ASP B 92 -5.25 10.19 5.43
C ASP B 92 -4.67 11.36 4.60
N GLY B 93 -4.68 11.18 3.28
CA GLY B 93 -4.27 12.23 2.36
C GLY B 93 -2.80 12.25 1.99
N ASN B 94 -2.01 11.40 2.64
CA ASN B 94 -0.59 11.34 2.32
C ASN B 94 -0.28 10.31 1.24
N VAL B 95 0.64 10.67 0.36
CA VAL B 95 1.23 9.73 -0.57
C VAL B 95 2.56 9.32 0.02
N ILE B 96 2.73 8.02 0.22
CA ILE B 96 3.95 7.53 0.85
C ILE B 96 4.53 6.24 0.24
N ILE B 97 5.85 6.14 0.28
CA ILE B 97 6.59 5.02 -0.29
C ILE B 97 7.16 4.15 0.83
N TYR B 98 6.86 2.86 0.78
CA TYR B 98 7.39 1.89 1.72
C TYR B 98 8.25 0.86 1.01
N GLY B 99 9.28 0.38 1.70
CA GLY B 99 10.15 -0.67 1.17
C GLY B 99 11.29 -0.94 2.11
N SER B 100 11.88 -2.14 2.06
CA SER B 100 11.50 -3.18 1.10
C SER B 100 10.65 -4.26 1.79
N ASP B 101 10.13 -5.19 1.00
CA ASP B 101 9.17 -6.18 1.52
C ASP B 101 9.77 -7.01 2.65
N ILE B 102 9.01 -7.18 3.73
CA ILE B 102 9.51 -7.87 4.92
C ILE B 102 8.79 -9.21 5.20
N TRP B 103 7.69 -9.46 4.49
CA TRP B 103 6.89 -10.68 4.67
C TRP B 103 6.05 -10.84 3.42
N SER B 104 5.60 -12.07 3.17
CA SER B 104 4.54 -12.37 2.20
C SER B 104 3.96 -13.76 2.41
N THR B 105 2.73 -13.97 1.94
CA THR B 105 2.09 -15.28 1.93
C THR B 105 2.71 -16.17 0.85
#